data_1S61
#
_entry.id   1S61
#
_cell.length_a   43.534
_cell.length_b   61.432
_cell.length_c   91.785
_cell.angle_alpha   90.00
_cell.angle_beta   90.00
_cell.angle_gamma   90.00
#
_symmetry.space_group_name_H-M   'P 21 21 21'
#
loop_
_entity.id
_entity.type
_entity.pdbx_description
1 polymer 'Hemoglobin-like protein HbN'
2 non-polymer 'CYANIDE ION'
3 non-polymer 'PHOSPHATE ION'
4 non-polymer 'POTASSIUM ION'
5 non-polymer 'PROTOPORPHYRIN IX CONTAINING FE'
6 non-polymer 'N-BUTYL ISOCYANIDE'
7 water water
#
_entity_poly.entity_id   1
_entity_poly.type   'polypeptide(L)'
_entity_poly.pdbx_seq_one_letter_code
;MGLLSRLRKREPISIYDKIGGHEAIEVVVEDFYVRVLADDQLSAFFSGTNMSRLKGKQVEFFAAALGGPEPYTGAPMKQV
HQGRGITMHHFSLVAGHLADALTAAGVPSETITEILGVIAPLAVDVTSGESTTAPV
;
_entity_poly.pdbx_strand_id   A,B
#
# COMPACT_ATOMS: atom_id res chain seq x y z
N GLY A 2 28.16 12.33 4.76
CA GLY A 2 27.22 11.93 3.72
C GLY A 2 27.58 10.56 3.16
N LEU A 3 26.79 10.08 2.21
CA LEU A 3 27.00 8.78 1.58
C LEU A 3 28.35 8.72 0.90
N LEU A 4 28.67 9.78 0.17
CA LEU A 4 29.95 9.84 -0.50
C LEU A 4 31.08 9.66 0.49
N SER A 5 31.04 10.41 1.59
CA SER A 5 32.19 10.44 2.48
C SER A 5 32.27 9.06 3.15
N ARG A 6 31.12 8.44 3.38
CA ARG A 6 31.12 7.10 3.96
C ARG A 6 31.79 6.08 3.01
N LEU A 7 31.53 6.22 1.72
CA LEU A 7 32.13 5.34 0.72
C LEU A 7 33.63 5.60 0.62
N ARG A 8 34.03 6.84 0.86
CA ARG A 8 35.44 7.18 0.86
C ARG A 8 36.17 6.46 1.98
N LYS A 9 35.46 6.21 3.07
CA LYS A 9 36.06 5.55 4.22
C LYS A 9 35.78 4.04 4.21
N ARG A 10 35.32 3.54 3.06
CA ARG A 10 34.99 2.13 2.82
C ARG A 10 34.06 1.54 3.87
N GLU A 11 33.15 2.34 4.41
CA GLU A 11 32.17 1.77 5.27
C GLU A 11 31.10 1.14 4.32
N PRO A 12 30.27 0.25 4.82
CA PRO A 12 29.17 -0.31 4.05
C PRO A 12 28.01 0.66 3.97
N ILE A 13 27.20 0.53 2.94
CA ILE A 13 26.05 1.41 2.73
C ILE A 13 24.94 1.01 3.68
N SER A 14 24.42 1.98 4.40
CA SER A 14 23.36 1.76 5.38
C SER A 14 22.04 1.69 4.66
N ILE A 15 21.05 1.14 5.35
CA ILE A 15 19.69 1.13 4.79
C ILE A 15 19.20 2.54 4.48
N TYR A 16 19.51 3.47 5.37
CA TYR A 16 19.20 4.87 5.15
C TYR A 16 19.61 5.36 3.76
N ASP A 17 20.87 5.12 3.41
CA ASP A 17 21.45 5.60 2.19
C ASP A 17 20.80 4.89 1.01
N LYS A 18 20.50 3.62 1.17
CA LYS A 18 20.05 2.85 0.03
C LYS A 18 18.54 2.93 -0.23
N ILE A 19 17.76 3.49 0.70
CA ILE A 19 16.38 3.79 0.35
C ILE A 19 16.22 5.23 -0.11
N GLY A 20 17.29 6.03 -0.04
CA GLY A 20 17.24 7.39 -0.56
C GLY A 20 17.56 8.51 0.44
N GLY A 21 17.96 8.14 1.65
CA GLY A 21 18.33 9.11 2.66
C GLY A 21 17.22 9.97 3.20
N HIS A 22 17.59 11.16 3.68
CA HIS A 22 16.71 12.01 4.46
C HIS A 22 15.40 12.34 3.77
N GLU A 23 15.45 12.64 2.48
CA GLU A 23 14.25 12.99 1.78
C GLU A 23 13.30 11.80 1.73
N ALA A 24 13.87 10.61 1.76
CA ALA A 24 13.11 9.38 1.62
C ALA A 24 12.40 9.08 2.92
N ILE A 25 13.13 9.25 4.01
CA ILE A 25 12.58 9.10 5.34
C ILE A 25 11.37 10.00 5.52
N GLU A 26 11.49 11.23 5.04
CA GLU A 26 10.45 12.23 5.24
C GLU A 26 9.18 11.86 4.46
N VAL A 27 9.37 11.44 3.22
CA VAL A 27 8.26 10.97 2.39
C VAL A 27 7.59 9.79 3.07
N VAL A 28 8.39 8.88 3.60
CA VAL A 28 7.86 7.64 4.18
C VAL A 28 7.08 7.97 5.45
N VAL A 29 7.71 8.72 6.35
CA VAL A 29 7.07 9.03 7.62
C VAL A 29 5.71 9.74 7.38
N GLU A 30 5.63 10.64 6.40
CA GLU A 30 4.39 11.37 6.19
C GLU A 30 3.26 10.46 5.67
N ASP A 31 3.58 9.57 4.76
CA ASP A 31 2.60 8.61 4.25
C ASP A 31 2.22 7.63 5.36
N PHE A 32 3.22 7.27 6.18
CA PHE A 32 3.03 6.40 7.35
C PHE A 32 1.91 6.93 8.23
N TYR A 33 2.02 8.19 8.61
CA TYR A 33 1.04 8.76 9.51
C TYR A 33 -0.32 9.05 8.88
N VAL A 34 -0.35 9.31 7.58
CA VAL A 34 -1.65 9.38 6.90
C VAL A 34 -2.36 8.06 7.18
N ARG A 35 -1.65 6.98 6.94
CA ARG A 35 -2.16 5.63 7.06
C ARG A 35 -2.65 5.23 8.44
N VAL A 36 -1.81 5.49 9.44
CA VAL A 36 -2.14 5.10 10.80
C VAL A 36 -3.39 5.81 11.29
N LEU A 37 -3.43 7.12 11.01
CA LEU A 37 -4.48 7.99 11.55
C LEU A 37 -5.80 7.73 10.88
N ALA A 38 -5.75 6.99 9.80
CA ALA A 38 -6.95 6.65 9.05
C ALA A 38 -7.40 5.24 9.41
N ASP A 39 -6.62 4.55 10.22
CA ASP A 39 -6.96 3.20 10.67
C ASP A 39 -7.69 3.30 12.01
N ASP A 40 -9.01 3.10 12.07
CA ASP A 40 -9.69 3.32 13.39
C ASP A 40 -9.21 2.33 14.46
N GLN A 41 -8.43 1.33 14.08
CA GLN A 41 -7.91 0.50 15.17
C GLN A 41 -6.72 1.11 15.93
N LEU A 42 -6.14 2.17 15.39
CA LEU A 42 -4.92 2.75 15.96
C LEU A 42 -5.09 4.22 16.22
N SER A 43 -5.96 4.82 15.41
CA SER A 43 -6.23 6.24 15.43
C SER A 43 -6.22 6.85 16.83
N ALA A 44 -6.89 6.17 17.74
CA ALA A 44 -7.24 6.77 19.02
C ALA A 44 -6.02 6.83 19.96
N PHE A 45 -5.00 6.01 19.68
CA PHE A 45 -3.74 6.08 20.41
C PHE A 45 -3.13 7.47 20.30
N PHE A 46 -3.40 8.17 19.18
CA PHE A 46 -2.82 9.50 18.91
C PHE A 46 -3.80 10.66 19.12
N SER A 47 -4.92 10.39 19.76
CA SER A 47 -5.93 11.38 20.05
C SER A 47 -5.37 12.60 20.78
N GLY A 48 -4.54 12.36 21.80
CA GLY A 48 -4.02 13.47 22.58
C GLY A 48 -2.62 13.88 22.18
N THR A 49 -2.27 13.59 20.94
CA THR A 49 -0.91 13.75 20.48
C THR A 49 -0.74 14.94 19.53
N ASN A 50 0.32 15.70 19.75
CA ASN A 50 0.74 16.76 18.83
C ASN A 50 1.48 16.11 17.69
N MET A 51 0.78 15.87 16.60
CA MET A 51 1.34 15.07 15.55
C MET A 51 2.51 15.76 14.88
N SER A 52 2.48 17.08 14.75
CA SER A 52 3.57 17.76 14.08
C SER A 52 4.88 17.47 14.82
N ARG A 53 4.81 17.48 16.13
CA ARG A 53 5.99 17.22 16.93
C ARG A 53 6.41 15.77 16.74
N LEU A 54 5.46 14.87 16.89
CA LEU A 54 5.73 13.44 16.79
C LEU A 54 6.44 13.14 15.50
N LYS A 55 5.98 13.76 14.42
CA LYS A 55 6.53 13.50 13.08
C LYS A 55 7.95 13.94 12.93
N GLY A 56 8.31 15.10 13.48
CA GLY A 56 9.70 15.51 13.48
C GLY A 56 10.58 14.53 14.25
N LYS A 57 10.05 14.04 15.37
CA LYS A 57 10.75 13.09 16.22
C LYS A 57 10.97 11.77 15.52
N GLN A 58 9.92 11.27 14.86
CA GLN A 58 9.97 10.01 14.15
C GLN A 58 10.88 10.03 12.92
N VAL A 59 10.90 11.13 12.19
CA VAL A 59 11.89 11.30 11.16
C VAL A 59 13.33 11.13 11.68
N GLU A 60 13.67 11.73 12.82
CA GLU A 60 15.02 11.57 13.39
C GLU A 60 15.23 10.13 13.89
N PHE A 61 14.28 9.60 14.64
CA PHE A 61 14.48 8.27 15.18
C PHE A 61 14.59 7.22 14.09
N PHE A 62 13.64 7.21 13.18
CA PHE A 62 13.70 6.31 12.06
C PHE A 62 14.97 6.53 11.22
N ALA A 63 15.31 7.75 10.88
CA ALA A 63 16.54 7.96 10.10
C ALA A 63 17.78 7.38 10.81
N ALA A 64 17.88 7.57 12.12
CA ALA A 64 19.03 7.10 12.88
C ALA A 64 19.00 5.58 13.00
N ALA A 65 17.81 5.02 13.13
CA ALA A 65 17.68 3.57 13.27
C ALA A 65 18.16 2.88 12.02
N LEU A 66 18.08 3.58 10.91
CA LEU A 66 18.43 2.96 9.64
C LEU A 66 19.84 3.31 9.20
N GLY A 67 20.59 3.97 10.07
CA GLY A 67 21.98 4.29 9.84
C GLY A 67 22.29 5.70 9.39
N GLY A 68 21.31 6.60 9.39
CA GLY A 68 21.54 7.97 8.96
C GLY A 68 22.26 8.80 10.00
N PRO A 69 22.81 9.94 9.59
CA PRO A 69 23.55 10.84 10.49
C PRO A 69 22.69 11.74 11.40
N GLU A 70 21.39 11.48 11.42
N GLU A 70 21.38 11.49 11.42
CA GLU A 70 20.42 12.31 12.12
CA GLU A 70 20.45 12.34 12.13
C GLU A 70 20.50 12.13 13.64
C GLU A 70 20.50 12.13 13.64
N PRO A 71 20.41 13.23 14.37
CA PRO A 71 20.34 13.18 15.84
C PRO A 71 18.92 12.78 16.22
N TYR A 72 18.76 12.07 17.34
CA TYR A 72 17.46 11.85 17.91
C TYR A 72 17.34 12.68 19.18
N THR A 73 16.41 13.61 19.18
CA THR A 73 16.22 14.56 20.27
C THR A 73 14.95 14.27 21.04
N GLY A 74 14.40 13.08 20.88
CA GLY A 74 13.19 12.75 21.60
C GLY A 74 13.43 11.92 22.84
N ALA A 75 12.37 11.37 23.42
CA ALA A 75 12.52 10.57 24.62
C ALA A 75 12.73 9.10 24.28
N PRO A 76 13.20 8.37 25.28
CA PRO A 76 13.46 6.94 25.14
C PRO A 76 12.16 6.19 24.83
N MET A 77 12.24 5.20 23.95
CA MET A 77 11.05 4.49 23.47
C MET A 77 10.23 3.89 24.59
N LYS A 78 10.90 3.26 25.57
CA LYS A 78 10.19 2.56 26.64
C LYS A 78 9.42 3.52 27.53
N GLN A 79 9.95 4.71 27.77
CA GLN A 79 9.25 5.65 28.63
C GLN A 79 8.02 6.18 27.93
N VAL A 80 8.19 6.49 26.66
CA VAL A 80 7.10 6.99 25.85
C VAL A 80 5.93 6.01 25.78
N HIS A 81 6.21 4.74 25.49
CA HIS A 81 5.19 3.80 25.05
C HIS A 81 4.57 3.04 26.24
N GLN A 82 5.33 2.91 27.32
CA GLN A 82 4.85 2.23 28.55
C GLN A 82 3.57 2.89 29.08
N GLY A 83 2.64 2.08 29.54
CA GLY A 83 1.41 2.60 30.06
C GLY A 83 0.31 2.82 29.02
N ARG A 84 0.65 2.82 27.73
N ARG A 84 0.65 2.82 27.73
CA ARG A 84 -0.32 3.22 26.70
CA ARG A 84 -0.31 3.21 26.69
C ARG A 84 -1.18 2.06 26.18
C ARG A 84 -1.19 2.06 26.19
N GLY A 85 -0.97 0.88 26.76
CA GLY A 85 -1.82 -0.25 26.47
C GLY A 85 -1.60 -0.79 25.06
N ILE A 86 -0.38 -0.67 24.56
CA ILE A 86 -0.09 -1.11 23.21
C ILE A 86 0.27 -2.60 23.17
N THR A 87 -0.49 -3.37 22.41
CA THR A 87 -0.20 -4.78 22.23
C THR A 87 0.54 -5.11 20.93
N MET A 88 1.02 -6.34 20.91
CA MET A 88 1.69 -6.91 19.75
C MET A 88 0.78 -6.83 18.52
N HIS A 89 -0.52 -7.00 18.73
CA HIS A 89 -1.50 -6.76 17.67
C HIS A 89 -1.41 -5.33 17.10
N HIS A 90 -1.44 -4.33 17.97
CA HIS A 90 -1.32 -2.93 17.54
C HIS A 90 0.01 -2.71 16.87
N PHE A 91 1.08 -3.21 17.47
CA PHE A 91 2.43 -3.04 16.92
C PHE A 91 2.53 -3.57 15.52
N SER A 92 1.86 -4.70 15.27
CA SER A 92 1.95 -5.34 13.99
C SER A 92 1.17 -4.54 12.95
N LEU A 93 0.09 -3.94 13.37
CA LEU A 93 -0.73 -3.15 12.46
C LEU A 93 0.06 -1.94 12.01
N VAL A 94 0.74 -1.31 12.97
CA VAL A 94 1.66 -0.23 12.70
C VAL A 94 2.79 -0.62 11.75
N ALA A 95 3.42 -1.75 12.03
CA ALA A 95 4.47 -2.23 11.15
C ALA A 95 3.92 -2.46 9.75
N GLY A 96 2.68 -2.91 9.65
CA GLY A 96 2.05 -3.08 8.35
C GLY A 96 1.85 -1.78 7.61
N HIS A 97 1.50 -0.72 8.34
CA HIS A 97 1.38 0.58 7.70
C HIS A 97 2.76 1.09 7.26
N LEU A 98 3.80 0.82 8.05
CA LEU A 98 5.18 1.19 7.68
C LEU A 98 5.54 0.47 6.40
N ALA A 99 5.32 -0.84 6.39
CA ALA A 99 5.67 -1.61 5.22
C ALA A 99 4.93 -1.10 3.98
N ASP A 100 3.69 -0.63 4.13
CA ASP A 100 2.91 -0.17 2.97
C ASP A 100 3.44 1.14 2.47
N ALA A 101 3.86 1.99 3.40
CA ALA A 101 4.41 3.29 3.06
C ALA A 101 5.72 3.12 2.34
N LEU A 102 6.51 2.13 2.74
CA LEU A 102 7.78 1.90 2.06
C LEU A 102 7.56 1.30 0.71
N THR A 103 6.53 0.47 0.60
CA THR A 103 6.13 -0.07 -0.72
C THR A 103 5.67 1.04 -1.66
N ALA A 104 4.79 1.90 -1.17
CA ALA A 104 4.33 3.03 -1.95
C ALA A 104 5.44 3.89 -2.46
N ALA A 105 6.51 4.07 -1.68
CA ALA A 105 7.67 4.88 -2.09
C ALA A 105 8.61 4.17 -3.05
N GLY A 106 8.36 2.90 -3.34
CA GLY A 106 9.17 2.20 -4.32
C GLY A 106 10.33 1.36 -3.78
N VAL A 107 10.37 1.11 -2.48
CA VAL A 107 11.49 0.38 -1.88
C VAL A 107 11.31 -1.12 -2.08
N PRO A 108 12.31 -1.81 -2.64
CA PRO A 108 12.27 -3.27 -2.82
C PRO A 108 11.82 -4.08 -1.59
N SER A 109 10.98 -5.08 -1.83
CA SER A 109 10.47 -5.98 -0.80
C SER A 109 11.53 -6.49 0.15
N GLU A 110 12.65 -6.95 -0.38
CA GLU A 110 13.68 -7.53 0.46
C GLU A 110 14.21 -6.49 1.42
N THR A 111 14.29 -5.25 0.96
CA THR A 111 14.80 -4.18 1.80
C THR A 111 13.79 -3.77 2.87
N ILE A 112 12.51 -3.88 2.54
CA ILE A 112 11.46 -3.62 3.49
C ILE A 112 11.56 -4.64 4.63
N THR A 113 11.75 -5.89 4.25
CA THR A 113 11.88 -6.97 5.20
C THR A 113 13.09 -6.74 6.12
N GLU A 114 14.17 -6.24 5.56
CA GLU A 114 15.34 -5.85 6.32
C GLU A 114 15.01 -4.74 7.32
N ILE A 115 14.25 -3.73 6.89
CA ILE A 115 13.86 -2.63 7.75
C ILE A 115 12.98 -3.12 8.89
N LEU A 116 11.99 -3.94 8.57
CA LEU A 116 11.20 -4.56 9.62
C LEU A 116 12.08 -5.35 10.57
N GLY A 117 13.18 -5.90 10.07
CA GLY A 117 14.08 -6.65 10.93
C GLY A 117 14.77 -5.74 11.92
N VAL A 118 14.87 -4.46 11.61
CA VAL A 118 15.46 -3.49 12.51
C VAL A 118 14.46 -2.98 13.52
N ILE A 119 13.19 -2.95 13.12
CA ILE A 119 12.15 -2.26 13.89
C ILE A 119 11.50 -3.21 14.89
N ALA A 120 11.32 -4.44 14.44
CA ALA A 120 10.54 -5.43 15.20
C ALA A 120 11.06 -5.62 16.61
N PRO A 121 12.36 -5.78 16.74
CA PRO A 121 12.97 -5.89 18.08
C PRO A 121 12.47 -4.81 19.02
N LEU A 122 12.17 -3.65 18.46
CA LEU A 122 11.75 -2.53 19.30
C LEU A 122 10.45 -2.80 20.02
N ALA A 123 9.72 -3.84 19.60
CA ALA A 123 8.44 -4.16 20.20
C ALA A 123 8.56 -4.41 21.69
N VAL A 124 9.71 -4.95 22.07
CA VAL A 124 10.06 -5.18 23.45
C VAL A 124 9.82 -3.91 24.26
N ASP A 125 10.19 -2.76 23.69
CA ASP A 125 10.07 -1.48 24.39
C ASP A 125 8.71 -0.81 24.22
N VAL A 126 8.08 -1.02 23.08
CA VAL A 126 6.81 -0.39 22.76
C VAL A 126 5.59 -1.04 23.44
N THR A 127 5.54 -2.37 23.45
CA THR A 127 4.30 -3.05 23.83
C THR A 127 4.15 -3.24 25.32
N SER A 128 2.89 -3.30 25.73
CA SER A 128 2.52 -3.57 27.12
C SER A 128 2.23 -5.06 27.26
N GLY A 129 3.18 -5.76 27.88
CA GLY A 129 3.10 -7.21 28.01
C GLY A 129 4.22 -7.82 28.84
N GLY B 2 9.05 3.80 -19.98
CA GLY B 2 8.19 3.51 -21.14
C GLY B 2 8.36 2.09 -21.66
N LEU B 3 7.44 1.68 -22.51
CA LEU B 3 7.48 0.35 -23.09
C LEU B 3 8.76 0.15 -23.90
N LEU B 4 9.15 1.16 -24.66
CA LEU B 4 10.42 1.12 -25.40
C LEU B 4 11.65 0.93 -24.48
N SER B 5 11.74 1.67 -23.38
CA SER B 5 12.86 1.49 -22.46
C SER B 5 12.85 0.10 -21.90
N ARG B 6 11.67 -0.39 -21.53
CA ARG B 6 11.62 -1.71 -20.88
C ARG B 6 12.01 -2.80 -21.88
N LEU B 7 11.63 -2.63 -23.13
CA LEU B 7 11.89 -3.66 -24.14
C LEU B 7 13.34 -3.60 -24.59
N ARG B 8 13.89 -2.39 -24.65
CA ARG B 8 15.33 -2.22 -24.90
C ARG B 8 16.16 -2.91 -23.83
N LYS B 9 15.68 -2.95 -22.59
CA LYS B 9 16.45 -3.59 -21.54
C LYS B 9 16.06 -5.05 -21.48
N ARG B 10 15.16 -5.45 -22.37
CA ARG B 10 14.71 -6.83 -22.44
C ARG B 10 14.08 -7.25 -21.10
N GLU B 11 13.33 -6.34 -20.48
CA GLU B 11 12.55 -6.71 -19.31
C GLU B 11 11.46 -7.60 -19.81
N PRO B 12 11.07 -8.55 -18.98
CA PRO B 12 10.05 -9.53 -19.38
C PRO B 12 8.77 -8.81 -19.71
N ILE B 13 8.06 -9.29 -20.73
CA ILE B 13 6.82 -8.67 -21.15
C ILE B 13 5.71 -9.00 -20.17
N SER B 14 5.03 -7.95 -19.69
CA SER B 14 4.03 -8.12 -18.64
C SER B 14 2.65 -7.94 -19.22
N ILE B 15 1.64 -8.28 -18.45
CA ILE B 15 0.27 -8.07 -18.88
C ILE B 15 0.00 -6.58 -19.04
N TYR B 16 0.59 -5.76 -18.19
CA TYR B 16 0.54 -4.30 -18.31
C TYR B 16 0.96 -3.90 -19.74
N ASP B 17 2.07 -4.48 -20.21
CA ASP B 17 2.58 -4.21 -21.57
C ASP B 17 1.56 -4.65 -22.59
N LYS B 18 1.04 -5.87 -22.40
CA LYS B 18 0.15 -6.51 -23.36
C LYS B 18 -1.19 -5.80 -23.47
N ILE B 19 -1.64 -5.18 -22.37
CA ILE B 19 -2.96 -4.52 -22.36
C ILE B 19 -2.93 -3.09 -22.95
N GLY B 20 -1.75 -2.48 -23.05
CA GLY B 20 -1.61 -1.12 -23.57
C GLY B 20 -1.10 -0.10 -22.55
N GLY B 21 -0.59 -0.56 -21.42
CA GLY B 21 -0.05 0.35 -20.44
C GLY B 21 -1.06 1.18 -19.67
N HIS B 22 -0.60 2.33 -19.17
CA HIS B 22 -1.33 3.10 -18.17
C HIS B 22 -2.55 3.77 -18.80
N GLU B 23 -2.41 4.18 -20.05
CA GLU B 23 -3.49 4.80 -20.80
C GLU B 23 -4.63 3.83 -20.93
N ALA B 24 -4.34 2.61 -21.37
CA ALA B 24 -5.36 1.58 -21.51
C ALA B 24 -6.03 1.24 -20.18
N ILE B 25 -5.24 1.24 -19.10
CA ILE B 25 -5.78 0.92 -17.79
C ILE B 25 -6.70 2.02 -17.25
N GLU B 26 -6.27 3.28 -17.41
CA GLU B 26 -7.13 4.41 -17.07
C GLU B 26 -8.47 4.30 -17.77
N VAL B 27 -8.45 3.93 -19.04
CA VAL B 27 -9.69 3.88 -19.83
C VAL B 27 -10.55 2.77 -19.30
N VAL B 28 -9.97 1.62 -19.09
CA VAL B 28 -10.71 0.47 -18.62
C VAL B 28 -11.40 0.78 -17.29
N VAL B 29 -10.65 1.34 -16.35
CA VAL B 29 -11.15 1.62 -15.02
C VAL B 29 -12.31 2.59 -15.04
N GLU B 30 -12.15 3.72 -15.73
CA GLU B 30 -13.22 4.68 -15.87
C GLU B 30 -14.52 3.94 -16.27
N ASP B 31 -14.48 3.20 -17.37
CA ASP B 31 -15.66 2.48 -17.83
C ASP B 31 -16.14 1.33 -16.90
N PHE B 32 -15.22 0.71 -16.18
CA PHE B 32 -15.55 -0.26 -15.14
C PHE B 32 -16.46 0.36 -14.07
N TYR B 33 -16.08 1.53 -13.57
CA TYR B 33 -16.89 2.19 -12.55
C TYR B 33 -18.21 2.75 -13.08
N VAL B 34 -18.25 3.18 -14.33
CA VAL B 34 -19.55 3.52 -14.94
C VAL B 34 -20.52 2.33 -14.79
N ARG B 35 -20.02 1.15 -15.07
CA ARG B 35 -20.82 -0.06 -15.02
C ARG B 35 -21.18 -0.45 -13.57
N VAL B 36 -20.21 -0.30 -12.68
CA VAL B 36 -20.41 -0.70 -11.31
C VAL B 36 -21.39 0.24 -10.62
N LEU B 37 -21.21 1.54 -10.82
CA LEU B 37 -22.08 2.53 -10.17
C LEU B 37 -23.50 2.50 -10.75
N ALA B 38 -23.69 1.96 -11.95
CA ALA B 38 -25.04 1.83 -12.48
C ALA B 38 -25.71 0.54 -11.98
N ASP B 39 -24.95 -0.29 -11.27
CA ASP B 39 -25.48 -1.57 -10.77
C ASP B 39 -26.05 -1.47 -9.35
N ASP B 40 -27.35 -1.70 -9.26
CA ASP B 40 -28.09 -1.50 -8.04
C ASP B 40 -27.65 -2.46 -6.94
N GLN B 41 -27.03 -3.57 -7.33
CA GLN B 41 -26.58 -4.54 -6.33
C GLN B 41 -25.26 -4.10 -5.74
N LEU B 42 -24.58 -3.15 -6.37
CA LEU B 42 -23.26 -2.73 -5.91
C LEU B 42 -23.18 -1.27 -5.48
N SER B 43 -24.04 -0.42 -6.04
CA SER B 43 -23.79 1.01 -5.98
C SER B 43 -23.83 1.60 -4.55
N ALA B 44 -24.62 1.00 -3.67
CA ALA B 44 -24.74 1.49 -2.29
C ALA B 44 -23.44 1.32 -1.50
N PHE B 45 -22.58 0.41 -1.91
CA PHE B 45 -21.27 0.27 -1.26
C PHE B 45 -20.38 1.49 -1.50
N PHE B 46 -20.69 2.26 -2.52
CA PHE B 46 -19.85 3.41 -2.87
C PHE B 46 -20.51 4.76 -2.61
N SER B 47 -21.59 4.78 -1.85
CA SER B 47 -22.22 6.05 -1.51
C SER B 47 -21.34 6.75 -0.47
N GLY B 48 -20.94 7.99 -0.75
CA GLY B 48 -19.99 8.66 0.10
C GLY B 48 -18.54 8.55 -0.38
N THR B 49 -18.28 7.65 -1.31
CA THR B 49 -16.92 7.43 -1.77
C THR B 49 -16.44 8.57 -2.66
N ASN B 50 -15.18 8.94 -2.47
CA ASN B 50 -14.54 9.91 -3.30
C ASN B 50 -14.12 9.17 -4.58
N MET B 51 -15.00 9.15 -5.57
CA MET B 51 -14.74 8.33 -6.73
C MET B 51 -13.45 8.65 -7.47
N SER B 52 -13.20 9.93 -7.69
CA SER B 52 -12.03 10.33 -8.44
C SER B 52 -10.78 9.70 -7.81
N ARG B 53 -10.69 9.76 -6.48
CA ARG B 53 -9.55 9.23 -5.73
C ARG B 53 -9.47 7.72 -5.86
N LEU B 54 -10.59 7.03 -5.64
CA LEU B 54 -10.65 5.58 -5.77
C LEU B 54 -10.23 5.09 -7.15
N LYS B 55 -10.67 5.79 -8.20
CA LYS B 55 -10.35 5.40 -9.55
C LYS B 55 -8.84 5.50 -9.77
N GLY B 56 -8.23 6.55 -9.24
CA GLY B 56 -6.77 6.69 -9.29
C GLY B 56 -6.04 5.57 -8.57
N LYS B 57 -6.56 5.12 -7.41
CA LYS B 57 -5.93 4.05 -6.66
C LYS B 57 -6.11 2.72 -7.41
N GLN B 58 -7.27 2.52 -8.03
CA GLN B 58 -7.53 1.31 -8.80
C GLN B 58 -6.63 1.20 -10.03
N VAL B 59 -6.43 2.31 -10.72
CA VAL B 59 -5.43 2.35 -11.79
C VAL B 59 -4.05 1.95 -11.26
N GLU B 60 -3.64 2.50 -10.13
CA GLU B 60 -2.33 2.14 -9.58
C GLU B 60 -2.35 0.64 -9.26
N PHE B 61 -3.45 0.14 -8.70
CA PHE B 61 -3.46 -1.25 -8.24
C PHE B 61 -3.45 -2.25 -9.36
N PHE B 62 -4.24 -1.99 -10.39
N PHE B 62 -4.23 -1.95 -10.39
CA PHE B 62 -4.33 -2.91 -11.50
CA PHE B 62 -4.41 -2.82 -11.54
C PHE B 62 -3.00 -2.87 -12.22
C PHE B 62 -3.09 -2.84 -12.31
N ALA B 63 -2.48 -1.67 -12.47
CA ALA B 63 -1.22 -1.57 -13.20
C ALA B 63 -0.17 -2.37 -12.44
N ALA B 64 -0.10 -2.24 -11.12
CA ALA B 64 0.97 -2.96 -10.40
C ALA B 64 0.70 -4.45 -10.38
N ALA B 65 -0.55 -4.84 -10.11
CA ALA B 65 -0.91 -6.26 -10.09
C ALA B 65 -0.60 -6.88 -11.44
N LEU B 66 -0.71 -6.08 -12.52
CA LEU B 66 -0.46 -6.55 -13.88
C LEU B 66 0.99 -6.46 -14.35
N GLY B 67 1.91 -6.21 -13.42
CA GLY B 67 3.33 -6.18 -13.74
C GLY B 67 3.91 -4.83 -14.14
N GLY B 68 3.18 -3.74 -13.91
CA GLY B 68 3.63 -2.43 -14.38
C GLY B 68 4.78 -1.86 -13.56
N PRO B 69 5.35 -0.74 -13.98
CA PRO B 69 6.54 -0.15 -13.36
C PRO B 69 6.34 0.65 -12.07
N GLU B 70 5.13 1.14 -11.79
CA GLU B 70 4.98 2.07 -10.68
C GLU B 70 4.35 1.39 -9.46
N PRO B 71 4.79 1.77 -8.26
CA PRO B 71 4.29 1.18 -7.01
C PRO B 71 2.80 1.47 -6.79
N TYR B 72 2.12 0.60 -6.06
CA TYR B 72 0.77 0.87 -5.61
C TYR B 72 0.86 1.68 -4.33
N THR B 73 0.11 2.76 -4.25
CA THR B 73 0.24 3.68 -3.15
C THR B 73 -0.99 3.69 -2.24
N GLY B 74 -1.94 2.80 -2.52
CA GLY B 74 -3.16 2.73 -1.74
C GLY B 74 -3.10 1.81 -0.54
N ALA B 75 -4.26 1.47 0.02
CA ALA B 75 -4.33 0.50 1.13
C ALA B 75 -4.42 -0.92 0.59
N PRO B 76 -3.96 -1.88 1.37
CA PRO B 76 -4.03 -3.29 0.96
C PRO B 76 -5.47 -3.78 0.89
N MET B 77 -5.72 -4.83 0.13
CA MET B 77 -7.08 -5.22 -0.20
C MET B 77 -7.84 -5.67 1.02
N LYS B 78 -7.19 -6.38 1.93
CA LYS B 78 -7.91 -6.86 3.09
C LYS B 78 -8.39 -5.72 3.96
N GLN B 79 -7.49 -4.79 4.27
CA GLN B 79 -7.86 -3.68 5.13
C GLN B 79 -8.99 -2.86 4.55
N VAL B 80 -8.87 -2.50 3.27
CA VAL B 80 -9.79 -1.55 2.69
C VAL B 80 -11.21 -2.15 2.62
N HIS B 81 -11.33 -3.45 2.38
CA HIS B 81 -12.65 -4.07 2.25
C HIS B 81 -13.23 -4.61 3.58
N GLN B 82 -12.41 -4.54 4.62
CA GLN B 82 -12.78 -4.99 5.95
C GLN B 82 -14.03 -4.31 6.43
N GLY B 83 -14.96 -5.07 6.99
CA GLY B 83 -16.10 -4.47 7.67
C GLY B 83 -17.23 -4.08 6.74
N ARG B 84 -17.16 -4.54 5.49
CA ARG B 84 -18.14 -4.07 4.51
C ARG B 84 -19.09 -5.19 4.16
N GLY B 85 -18.78 -6.38 4.63
CA GLY B 85 -19.60 -7.56 4.38
C GLY B 85 -19.72 -7.97 2.93
N ILE B 86 -18.74 -7.63 2.10
CA ILE B 86 -18.70 -8.04 0.68
C ILE B 86 -18.73 -9.57 0.51
N THR B 87 -19.65 -10.07 -0.30
CA THR B 87 -19.79 -11.50 -0.52
C THR B 87 -19.18 -11.96 -1.83
N MET B 88 -19.08 -13.26 -1.96
CA MET B 88 -18.61 -13.85 -3.19
C MET B 88 -19.59 -13.54 -4.33
N HIS B 89 -20.86 -13.32 -4.02
CA HIS B 89 -21.78 -12.88 -5.07
C HIS B 89 -21.41 -11.48 -5.57
N HIS B 90 -20.99 -10.62 -4.65
CA HIS B 90 -20.60 -9.26 -5.02
C HIS B 90 -19.34 -9.28 -5.87
N PHE B 91 -18.43 -10.18 -5.54
CA PHE B 91 -17.17 -10.30 -6.28
C PHE B 91 -17.37 -10.78 -7.72
N SER B 92 -18.24 -11.77 -7.89
CA SER B 92 -18.69 -12.19 -9.22
C SER B 92 -19.25 -11.03 -10.05
N LEU B 93 -20.10 -10.21 -9.47
CA LEU B 93 -20.66 -9.07 -10.17
C LEU B 93 -19.55 -8.10 -10.60
N VAL B 94 -18.66 -7.77 -9.67
CA VAL B 94 -17.56 -6.85 -9.96
C VAL B 94 -16.63 -7.41 -11.04
N ALA B 95 -16.31 -8.69 -10.91
CA ALA B 95 -15.49 -9.36 -11.89
C ALA B 95 -16.15 -9.44 -13.27
N GLY B 96 -17.45 -9.69 -13.31
CA GLY B 96 -18.20 -9.59 -14.55
C GLY B 96 -18.14 -8.20 -15.14
N HIS B 97 -18.32 -7.16 -14.32
CA HIS B 97 -18.23 -5.79 -14.88
C HIS B 97 -16.82 -5.50 -15.40
N LEU B 98 -15.81 -6.06 -14.75
CA LEU B 98 -14.46 -5.92 -15.25
C LEU B 98 -14.27 -6.60 -16.61
N ALA B 99 -14.71 -7.86 -16.75
CA ALA B 99 -14.61 -8.52 -18.04
C ALA B 99 -15.31 -7.71 -19.11
N ASP B 100 -16.49 -7.21 -18.80
CA ASP B 100 -17.28 -6.42 -19.76
C ASP B 100 -16.54 -5.15 -20.25
N ALA B 101 -15.86 -4.47 -19.32
CA ALA B 101 -15.18 -3.21 -19.60
C ALA B 101 -13.93 -3.47 -20.39
N LEU B 102 -13.27 -4.57 -20.08
CA LEU B 102 -12.10 -4.97 -20.86
C LEU B 102 -12.53 -5.39 -22.25
N THR B 103 -13.65 -6.10 -22.35
CA THR B 103 -14.12 -6.51 -23.67
C THR B 103 -14.49 -5.29 -24.47
N ALA B 104 -15.04 -4.31 -23.77
CA ALA B 104 -15.53 -3.07 -24.35
C ALA B 104 -14.42 -2.20 -24.91
N ALA B 105 -13.25 -2.23 -24.27
CA ALA B 105 -12.10 -1.46 -24.67
C ALA B 105 -11.33 -2.16 -25.78
N GLY B 106 -11.82 -3.32 -26.20
CA GLY B 106 -11.19 -4.04 -27.29
C GLY B 106 -9.94 -4.75 -26.86
N VAL B 107 -9.90 -5.20 -25.61
CA VAL B 107 -8.73 -5.98 -25.14
C VAL B 107 -8.96 -7.41 -25.57
N PRO B 108 -7.96 -8.00 -26.22
CA PRO B 108 -8.13 -9.35 -26.77
C PRO B 108 -8.42 -10.36 -25.69
N SER B 109 -9.20 -11.37 -26.04
CA SER B 109 -9.68 -12.38 -25.09
C SER B 109 -8.61 -13.04 -24.25
N GLU B 110 -7.49 -13.38 -24.88
CA GLU B 110 -6.46 -14.16 -24.20
C GLU B 110 -5.80 -13.34 -23.07
N THR B 111 -5.74 -12.04 -23.29
CA THR B 111 -5.21 -11.11 -22.31
C THR B 111 -6.25 -10.87 -21.21
N ILE B 112 -7.52 -10.83 -21.58
CA ILE B 112 -8.57 -10.68 -20.57
C ILE B 112 -8.51 -11.85 -19.61
N THR B 113 -8.34 -13.04 -20.17
CA THR B 113 -8.28 -14.25 -19.37
C THR B 113 -7.12 -14.17 -18.40
N GLU B 114 -5.98 -13.67 -18.87
CA GLU B 114 -4.81 -13.47 -18.00
C GLU B 114 -5.06 -12.48 -16.88
N ILE B 115 -5.70 -11.36 -17.18
CA ILE B 115 -6.08 -10.38 -16.15
C ILE B 115 -7.00 -10.93 -15.05
N LEU B 116 -8.06 -11.61 -15.45
CA LEU B 116 -9.01 -12.18 -14.50
C LEU B 116 -8.32 -13.28 -13.69
N GLY B 117 -7.25 -13.79 -14.25
CA GLY B 117 -6.41 -14.73 -13.54
C GLY B 117 -5.68 -14.07 -12.40
N VAL B 118 -5.32 -12.81 -12.55
CA VAL B 118 -4.66 -12.13 -11.43
C VAL B 118 -5.69 -11.66 -10.42
N ILE B 119 -6.90 -11.35 -10.90
CA ILE B 119 -7.94 -10.74 -10.07
C ILE B 119 -8.62 -11.76 -9.14
N ALA B 120 -8.90 -12.94 -9.69
CA ALA B 120 -9.62 -14.01 -8.99
C ALA B 120 -9.07 -14.40 -7.61
N PRO B 121 -7.79 -14.72 -7.51
CA PRO B 121 -7.18 -14.95 -6.19
C PRO B 121 -7.50 -13.87 -5.16
N LEU B 122 -7.80 -12.65 -5.59
CA LEU B 122 -7.95 -11.55 -4.67
C LEU B 122 -9.22 -11.66 -3.86
N ALA B 123 -10.13 -12.54 -4.30
CA ALA B 123 -11.41 -12.72 -3.63
C ALA B 123 -11.27 -13.09 -2.16
N VAL B 124 -10.18 -13.73 -1.80
CA VAL B 124 -10.07 -14.15 -0.42
C VAL B 124 -9.75 -12.94 0.46
N ASP B 125 -9.01 -11.99 -0.09
CA ASP B 125 -8.70 -10.77 0.66
C ASP B 125 -9.91 -9.82 0.72
N VAL B 126 -10.63 -9.73 -0.39
CA VAL B 126 -11.68 -8.72 -0.52
C VAL B 126 -12.98 -9.11 0.15
N THR B 127 -13.21 -10.41 0.26
CA THR B 127 -14.51 -10.93 0.67
C THR B 127 -14.53 -11.28 2.16
N SER B 128 -15.66 -11.00 2.81
CA SER B 128 -15.88 -11.39 4.22
C SER B 128 -16.95 -12.49 4.35
N GLY B 129 -17.69 -12.73 3.28
CA GLY B 129 -18.73 -13.75 3.31
C GLY B 129 -18.73 -14.66 2.10
N GLU B 130 -18.95 -15.94 2.33
CA GLU B 130 -18.87 -16.98 1.30
C GLU B 130 -20.11 -17.02 0.38
N SER B 131 -21.18 -16.38 0.82
CA SER B 131 -22.48 -16.49 0.16
C SER B 131 -22.47 -16.25 -1.37
N THR B 132 -23.17 -17.13 -2.12
CA THR B 132 -23.30 -16.97 -3.56
C THR B 132 -24.75 -16.70 -3.99
N THR B 133 -25.70 -16.46 -3.06
CA THR B 133 -27.00 -16.24 -3.65
C THR B 133 -27.36 -14.81 -3.81
N ALA B 134 -28.15 -14.64 -4.84
CA ALA B 134 -28.66 -13.39 -5.25
C ALA B 134 -29.87 -13.00 -4.43
N PRO B 135 -30.13 -11.70 -4.37
CA PRO B 135 -31.33 -11.15 -3.72
C PRO B 135 -32.68 -11.64 -4.30
N VAL B 136 -32.65 -12.16 -5.53
CA VAL B 136 -33.90 -12.60 -6.17
C VAL B 136 -35.04 -12.52 -5.16
#